data_6KEV
#
_entry.id   6KEV
#
_cell.length_a   46.415
_cell.length_b   77.104
_cell.length_c   94.405
_cell.angle_alpha   90.000
_cell.angle_beta   90.000
_cell.angle_gamma   90.000
#
_symmetry.space_group_name_H-M   'P 2 21 21'
#
loop_
_entity.id
_entity.type
_entity.pdbx_description
1 polymer Phosphoribulokinase
2 non-polymer "ADENOSINE-5'-DIPHOSPHATE"
3 non-polymer 6-O-phosphono-alpha-D-glucopyranose
4 non-polymer 2,3-DIHYDROXY-1,4-DITHIOBUTANE
5 water water
#
_entity_poly.entity_id   1
_entity_poly.type   'polypeptide(L)'
_entity_poly.pdbx_seq_one_letter_code
;MGMSKPDRVVLIGVAGDSGCGKSTFLNRLADLFGTELMTVICLDDYHSLDRKGRKEAGVTALDPRANNFDLMYEQVKALK
NGETIMKPIYNHETGLIDPPEKIEPNRIIVIEGLHPLYDERVRELLDFSVYLDIDDEVKIAWKIQRDMAERGHSYEDVLA
SIEARRPDFKAYIEPQRGHADIVIRVMPTQLIPNDTERKVLRVQLIQREGRDGFEPAYLFDEGSTIQWTPCGRKLTCSYP
GIRLAYGPDTYYGHEVSVLEVDGQFENLEEMIYVEGHLSKTDTQYYGELTHLLLQHKDYPGSNNGTGLFQVLTGLKMRAA
YERLTSQAAPVAASVLEHHHHHH
;
_entity_poly.pdbx_strand_id   A
#
loop_
_chem_comp.id
_chem_comp.type
_chem_comp.name
_chem_comp.formula
ADP non-polymer ADENOSINE-5'-DIPHOSPHATE 'C10 H15 N5 O10 P2'
DTT non-polymer 2,3-DIHYDROXY-1,4-DITHIOBUTANE 'C4 H10 O2 S2'
G6P D-saccharide, alpha linking 6-O-phosphono-alpha-D-glucopyranose 'C6 H13 O9 P'
#
# COMPACT_ATOMS: atom_id res chain seq x y z
N MET A 3 10.44 -30.94 9.45
CA MET A 3 9.25 -31.66 9.87
C MET A 3 7.99 -30.83 9.69
N SER A 4 6.85 -31.51 9.64
CA SER A 4 5.56 -30.84 9.53
C SER A 4 5.34 -29.90 10.71
N LYS A 5 4.55 -28.87 10.49
CA LYS A 5 4.31 -27.83 11.48
C LYS A 5 2.84 -27.44 11.49
N PRO A 6 2.31 -27.02 12.64
CA PRO A 6 1.00 -26.38 12.67
C PRO A 6 1.04 -24.92 12.25
N ASP A 7 2.21 -24.37 11.96
CA ASP A 7 2.34 -22.97 11.61
C ASP A 7 1.59 -22.67 10.32
N ARG A 8 1.04 -21.46 10.24
CA ARG A 8 0.43 -20.94 9.02
C ARG A 8 1.21 -19.69 8.64
N VAL A 9 2.08 -19.81 7.64
CA VAL A 9 2.80 -18.65 7.13
C VAL A 9 1.84 -17.76 6.37
N VAL A 10 1.78 -16.49 6.74
CA VAL A 10 0.88 -15.52 6.14
C VAL A 10 1.63 -14.78 5.03
N LEU A 11 1.02 -14.70 3.85
CA LEU A 11 1.61 -14.08 2.69
C LEU A 11 0.88 -12.79 2.37
N ILE A 12 1.64 -11.71 2.20
CA ILE A 12 1.10 -10.36 2.02
C ILE A 12 1.72 -9.76 0.76
N GLY A 13 0.89 -9.05 -0.01
CA GLY A 13 1.37 -8.40 -1.22
C GLY A 13 1.21 -6.89 -1.19
N VAL A 14 2.24 -6.15 -1.59
CA VAL A 14 2.22 -4.69 -1.64
C VAL A 14 2.56 -4.29 -3.07
N ALA A 15 1.59 -3.71 -3.77
CA ALA A 15 1.74 -3.34 -5.18
C ALA A 15 1.88 -1.83 -5.32
N GLY A 16 2.75 -1.42 -6.23
CA GLY A 16 2.89 0.00 -6.53
C GLY A 16 4.20 0.28 -7.23
N ASP A 17 4.23 1.43 -7.90
CA ASP A 17 5.45 1.93 -8.51
C ASP A 17 6.33 2.59 -7.44
N SER A 18 7.54 2.94 -7.83
CA SER A 18 8.42 3.64 -6.91
C SER A 18 8.05 5.12 -6.83
N GLY A 19 8.40 5.74 -5.70
CA GLY A 19 7.93 7.07 -5.41
C GLY A 19 6.48 7.13 -4.98
N CYS A 20 5.85 5.99 -4.74
CA CYS A 20 4.46 5.92 -4.32
C CYS A 20 4.31 5.63 -2.83
N GLY A 21 5.33 5.93 -2.04
CA GLY A 21 5.26 5.70 -0.60
C GLY A 21 5.39 4.25 -0.20
N LYS A 22 6.03 3.42 -1.05
CA LYS A 22 6.08 1.99 -0.78
C LYS A 22 7.11 1.64 0.30
N SER A 23 8.28 2.29 0.27
CA SER A 23 9.25 2.08 1.34
C SER A 23 8.75 2.63 2.66
N THR A 24 8.09 3.80 2.61
CA THR A 24 7.46 4.35 3.81
C THR A 24 6.44 3.40 4.40
N PHE A 25 5.63 2.78 3.54
CA PHE A 25 4.61 1.84 3.99
C PHE A 25 5.25 0.60 4.62
N LEU A 26 6.34 0.11 4.04
CA LEU A 26 7.00 -1.07 4.58
C LEU A 26 7.69 -0.76 5.90
N ASN A 27 8.16 0.48 6.08
CA ASN A 27 8.73 0.87 7.36
C ASN A 27 7.66 0.93 8.45
N ARG A 28 6.45 1.37 8.08
CA ARG A 28 5.36 1.40 9.06
C ARG A 28 4.90 0.00 9.43
N LEU A 29 4.92 -0.93 8.47
CA LEU A 29 4.60 -2.32 8.78
C LEU A 29 5.62 -2.92 9.73
N ALA A 30 6.88 -2.48 9.66
CA ALA A 30 7.88 -2.95 10.61
C ALA A 30 7.53 -2.53 12.03
N ASP A 31 6.93 -1.34 12.19
CA ASP A 31 6.49 -0.90 13.52
C ASP A 31 5.41 -1.82 14.08
N LEU A 32 4.73 -2.55 13.24
CA LEU A 32 3.71 -3.45 13.69
C LEU A 32 4.09 -4.89 13.79
N PHE A 33 5.03 -5.32 13.00
CA PHE A 33 5.43 -6.72 13.02
C PHE A 33 6.87 -6.94 13.45
N GLY A 34 7.75 -5.96 13.32
CA GLY A 34 9.15 -6.15 13.64
C GLY A 34 9.93 -6.75 12.47
N THR A 35 11.25 -6.79 12.66
CA THR A 35 12.15 -7.34 11.66
C THR A 35 12.41 -8.83 11.86
N GLU A 36 11.89 -9.41 12.95
CA GLU A 36 12.19 -10.81 13.27
C GLU A 36 11.30 -11.76 12.49
N LEU A 37 9.98 -11.65 12.68
CA LEU A 37 9.04 -12.61 12.11
C LEU A 37 8.44 -12.15 10.79
N MET A 38 8.90 -11.02 10.25
CA MET A 38 8.49 -10.56 8.93
C MET A 38 9.70 -10.48 8.02
N THR A 39 9.60 -11.13 6.86
CA THR A 39 10.64 -11.06 5.82
C THR A 39 10.04 -10.39 4.58
N VAL A 40 10.74 -9.40 4.05
CA VAL A 40 10.26 -8.61 2.91
C VAL A 40 11.08 -9.00 1.69
N ILE A 41 10.38 -9.29 0.59
CA ILE A 41 11.00 -9.68 -0.67
C ILE A 41 10.64 -8.64 -1.72
N CYS A 42 11.66 -8.00 -2.29
CA CYS A 42 11.46 -7.10 -3.41
C CYS A 42 11.36 -7.93 -4.69
N LEU A 43 10.18 -7.87 -5.35
CA LEU A 43 9.93 -8.70 -6.51
C LEU A 43 10.83 -8.35 -7.70
N ASP A 44 11.54 -7.22 -7.65
CA ASP A 44 12.53 -6.92 -8.68
C ASP A 44 13.60 -8.01 -8.77
N ASP A 45 13.74 -8.82 -7.72
CA ASP A 45 14.67 -9.95 -7.75
C ASP A 45 14.31 -10.97 -8.83
N TYR A 46 13.08 -10.95 -9.33
CA TYR A 46 12.64 -11.89 -10.35
C TYR A 46 12.63 -11.26 -11.74
N HIS A 47 13.34 -10.15 -11.93
CA HIS A 47 13.64 -9.65 -13.26
C HIS A 47 14.33 -10.74 -14.06
N SER A 48 13.83 -11.00 -15.28
CA SER A 48 14.54 -11.89 -16.18
C SER A 48 15.57 -11.13 -17.00
N LEU A 49 15.40 -9.83 -17.15
CA LEU A 49 16.32 -8.96 -17.88
C LEU A 49 16.93 -7.97 -16.91
N ASP A 50 18.25 -7.82 -16.95
CA ASP A 50 18.90 -6.81 -16.14
C ASP A 50 18.77 -5.45 -16.81
N ARG A 51 19.36 -4.42 -16.20
CA ARG A 51 19.15 -3.06 -16.69
C ARG A 51 19.62 -2.90 -18.14
N LYS A 52 20.79 -3.45 -18.46
CA LYS A 52 21.26 -3.37 -19.84
C LYS A 52 20.44 -4.27 -20.77
N GLY A 53 19.94 -5.39 -20.26
CA GLY A 53 19.08 -6.24 -21.07
C GLY A 53 17.77 -5.57 -21.44
N ARG A 54 17.15 -4.88 -20.48
CA ARG A 54 15.90 -4.17 -20.78
C ARG A 54 16.14 -3.04 -21.77
N LYS A 55 17.29 -2.37 -21.69
CA LYS A 55 17.58 -1.27 -22.60
C LYS A 55 17.78 -1.78 -24.03
N GLU A 56 18.50 -2.88 -24.19
CA GLU A 56 18.74 -3.42 -25.54
C GLU A 56 17.50 -4.09 -26.11
N ALA A 57 16.68 -4.70 -25.25
CA ALA A 57 15.40 -5.23 -25.69
C ALA A 57 14.35 -4.15 -25.89
N GLY A 58 14.60 -2.93 -25.42
CA GLY A 58 13.67 -1.84 -25.59
C GLY A 58 12.39 -1.97 -24.78
N VAL A 59 12.48 -2.48 -23.55
CA VAL A 59 11.33 -2.61 -22.66
C VAL A 59 11.69 -2.01 -21.30
N THR A 60 10.65 -1.59 -20.59
CA THR A 60 10.80 -1.10 -19.23
C THR A 60 10.65 -2.26 -18.23
N ALA A 61 10.94 -1.95 -16.97
CA ALA A 61 10.74 -2.93 -15.90
C ALA A 61 9.27 -3.24 -15.67
N LEU A 62 8.37 -2.35 -16.09
CA LEU A 62 6.93 -2.62 -15.99
C LEU A 62 6.49 -3.72 -16.94
N ASP A 63 7.30 -4.04 -17.95
CA ASP A 63 6.89 -5.00 -18.96
C ASP A 63 6.91 -6.42 -18.39
N PRO A 64 5.87 -7.22 -18.62
CA PRO A 64 5.90 -8.61 -18.14
C PRO A 64 7.01 -9.42 -18.77
N ARG A 65 7.45 -9.04 -19.96
CA ARG A 65 8.51 -9.76 -20.65
C ARG A 65 9.91 -9.43 -20.10
N ALA A 66 9.98 -8.68 -19.00
CA ALA A 66 11.23 -8.46 -18.29
C ALA A 66 11.23 -9.09 -16.91
N ASN A 67 10.22 -9.90 -16.60
CA ASN A 67 10.09 -10.56 -15.30
C ASN A 67 9.74 -12.02 -15.50
N ASN A 68 10.18 -12.86 -14.56
CA ASN A 68 9.98 -14.31 -14.61
C ASN A 68 8.91 -14.66 -13.58
N PHE A 69 7.66 -14.78 -14.03
CA PHE A 69 6.57 -15.11 -13.13
C PHE A 69 6.50 -16.61 -12.82
N ASP A 70 7.05 -17.46 -13.68
CA ASP A 70 7.18 -18.86 -13.34
C ASP A 70 8.07 -19.03 -12.12
N LEU A 71 9.25 -18.40 -12.13
CA LEU A 71 10.16 -18.50 -11.00
C LEU A 71 9.60 -17.81 -9.76
N MET A 72 8.92 -16.68 -9.94
CA MET A 72 8.28 -16.01 -8.81
C MET A 72 7.28 -16.94 -8.14
N TYR A 73 6.42 -17.59 -8.93
CA TYR A 73 5.41 -18.47 -8.37
C TYR A 73 6.04 -19.70 -7.72
N GLU A 74 7.12 -20.22 -8.29
CA GLU A 74 7.79 -21.38 -7.71
C GLU A 74 8.26 -21.09 -6.29
N GLN A 75 8.98 -19.97 -6.10
CA GLN A 75 9.62 -19.71 -4.83
C GLN A 75 8.66 -19.17 -3.78
N VAL A 76 7.67 -18.38 -4.19
CA VAL A 76 6.67 -17.91 -3.25
C VAL A 76 5.84 -19.09 -2.73
N LYS A 77 5.49 -20.02 -3.61
CA LYS A 77 4.77 -21.22 -3.17
C LYS A 77 5.62 -22.06 -2.23
N ALA A 78 6.92 -22.19 -2.54
CA ALA A 78 7.81 -22.95 -1.67
C ALA A 78 7.94 -22.30 -0.29
N LEU A 79 8.08 -20.96 -0.26
CA LEU A 79 8.15 -20.26 1.02
C LEU A 79 6.89 -20.48 1.84
N LYS A 80 5.73 -20.45 1.19
CA LYS A 80 4.48 -20.65 1.93
C LYS A 80 4.27 -22.09 2.36
N ASN A 81 5.06 -23.03 1.85
CA ASN A 81 5.04 -24.40 2.33
C ASN A 81 6.11 -24.65 3.38
N GLY A 82 6.65 -23.60 3.99
CA GLY A 82 7.71 -23.76 4.97
C GLY A 82 9.01 -24.28 4.41
N GLU A 83 9.32 -23.96 3.16
CA GLU A 83 10.45 -24.54 2.45
C GLU A 83 11.47 -23.44 2.13
N THR A 84 12.75 -23.78 2.28
CA THR A 84 13.83 -22.83 2.04
C THR A 84 14.06 -22.69 0.53
N ILE A 85 14.32 -21.46 0.10
CA ILE A 85 14.52 -21.16 -1.32
C ILE A 85 15.87 -20.49 -1.52
N MET A 86 16.31 -20.51 -2.77
CA MET A 86 17.53 -19.82 -3.21
C MET A 86 17.08 -18.74 -4.18
N LYS A 87 16.91 -17.52 -3.67
CA LYS A 87 16.28 -16.42 -4.40
C LYS A 87 17.32 -15.54 -5.08
N PRO A 88 17.17 -15.25 -6.38
CA PRO A 88 18.09 -14.33 -7.04
C PRO A 88 18.04 -12.95 -6.42
N ILE A 89 19.03 -12.14 -6.77
CA ILE A 89 19.18 -10.79 -6.24
C ILE A 89 19.35 -9.83 -7.40
N TYR A 90 18.47 -8.83 -7.49
CA TYR A 90 18.61 -7.75 -8.45
C TYR A 90 19.26 -6.56 -7.77
N ASN A 91 20.40 -6.13 -8.31
CA ASN A 91 21.22 -5.07 -7.73
C ASN A 91 20.80 -3.75 -8.35
N HIS A 92 20.09 -2.92 -7.59
CA HIS A 92 19.63 -1.63 -8.11
C HIS A 92 20.79 -0.68 -8.37
N GLU A 93 21.95 -0.88 -7.74
CA GLU A 93 23.10 -0.02 -8.01
C GLU A 93 23.73 -0.35 -9.35
N THR A 94 24.19 -1.59 -9.53
CA THR A 94 24.87 -2.01 -10.74
C THR A 94 23.91 -2.46 -11.83
N GLY A 95 22.62 -2.60 -11.54
CA GLY A 95 21.66 -3.04 -12.53
C GLY A 95 21.82 -4.47 -12.98
N LEU A 96 22.50 -5.29 -12.20
CA LEU A 96 22.80 -6.68 -12.55
C LEU A 96 21.99 -7.63 -11.67
N ILE A 97 21.94 -8.89 -12.11
CA ILE A 97 21.30 -9.95 -11.34
C ILE A 97 22.40 -10.75 -10.68
N ASP A 98 22.59 -10.52 -9.38
CA ASP A 98 23.67 -11.14 -8.62
C ASP A 98 23.35 -12.59 -8.28
N PRO A 99 24.35 -13.38 -7.89
CA PRO A 99 24.09 -14.75 -7.44
C PRO A 99 23.05 -14.78 -6.32
N PRO A 100 22.33 -15.89 -6.18
CA PRO A 100 21.19 -15.92 -5.25
C PRO A 100 21.63 -15.96 -3.80
N GLU A 101 20.65 -15.76 -2.92
CA GLU A 101 20.83 -15.87 -1.48
C GLU A 101 19.79 -16.84 -0.93
N LYS A 102 20.06 -17.36 0.27
CA LYS A 102 19.17 -18.30 0.92
C LYS A 102 18.13 -17.54 1.72
N ILE A 103 16.86 -17.78 1.43
CA ILE A 103 15.74 -17.19 2.17
C ILE A 103 15.03 -18.30 2.93
N GLU A 104 14.92 -18.15 4.23
CA GLU A 104 14.18 -19.10 5.04
C GLU A 104 12.75 -18.62 5.23
N PRO A 105 11.79 -19.55 5.32
CA PRO A 105 10.41 -19.15 5.52
C PRO A 105 10.23 -18.47 6.86
N ASN A 106 9.31 -17.51 6.90
CA ASN A 106 8.99 -16.76 8.11
C ASN A 106 7.49 -16.82 8.35
N ARG A 107 7.08 -16.37 9.53
CA ARG A 107 5.65 -16.35 9.85
C ARG A 107 4.90 -15.40 8.93
N ILE A 108 5.56 -14.34 8.47
CA ILE A 108 4.97 -13.37 7.55
C ILE A 108 5.94 -13.17 6.39
N ILE A 109 5.46 -13.40 5.18
CA ILE A 109 6.21 -13.11 3.96
C ILE A 109 5.47 -12.01 3.23
N VAL A 110 6.14 -10.88 3.01
CA VAL A 110 5.59 -9.76 2.27
C VAL A 110 6.33 -9.66 0.95
N ILE A 111 5.61 -9.85 -0.15
CA ILE A 111 6.16 -9.61 -1.48
C ILE A 111 5.70 -8.24 -1.94
N GLU A 112 6.64 -7.43 -2.41
CA GLU A 112 6.35 -6.07 -2.81
C GLU A 112 7.10 -5.73 -4.08
N GLY A 113 6.48 -4.89 -4.90
CA GLY A 113 7.06 -4.50 -6.16
C GLY A 113 5.97 -4.08 -7.13
N LEU A 114 6.25 -4.30 -8.41
CA LEU A 114 5.38 -3.85 -9.48
C LEU A 114 4.25 -4.84 -9.79
N HIS A 115 4.50 -6.16 -9.73
CA HIS A 115 3.52 -7.14 -10.20
C HIS A 115 3.20 -8.24 -9.18
N PRO A 116 2.88 -7.88 -7.93
CA PRO A 116 2.49 -8.96 -6.99
C PRO A 116 1.10 -9.51 -7.27
N LEU A 117 0.20 -8.72 -7.86
CA LEU A 117 -1.14 -9.14 -8.17
C LEU A 117 -1.36 -9.40 -9.66
N TYR A 118 -0.27 -9.51 -10.43
CA TYR A 118 -0.39 -9.61 -11.88
C TYR A 118 -0.66 -11.04 -12.34
N ASP A 119 -0.07 -12.03 -11.66
CA ASP A 119 -0.17 -13.42 -12.08
C ASP A 119 -1.17 -14.15 -11.20
N GLU A 120 -2.10 -14.88 -11.82
CA GLU A 120 -3.18 -15.51 -11.07
C GLU A 120 -2.64 -16.58 -10.12
N ARG A 121 -1.54 -17.24 -10.48
CA ARG A 121 -0.96 -18.25 -9.60
C ARG A 121 -0.45 -17.64 -8.30
N VAL A 122 0.25 -16.51 -8.39
CA VAL A 122 0.73 -15.84 -7.20
C VAL A 122 -0.46 -15.21 -6.44
N ARG A 123 -1.44 -14.69 -7.18
CA ARG A 123 -2.63 -14.12 -6.58
C ARG A 123 -3.30 -15.11 -5.63
N GLU A 124 -3.44 -16.38 -6.06
CA GLU A 124 -4.10 -17.38 -5.24
C GLU A 124 -3.37 -17.67 -3.94
N LEU A 125 -2.08 -17.34 -3.86
CA LEU A 125 -1.29 -17.59 -2.67
C LEU A 125 -1.39 -16.50 -1.63
N LEU A 126 -1.76 -15.28 -2.02
CA LEU A 126 -1.73 -14.15 -1.10
C LEU A 126 -2.88 -14.22 -0.10
N ASP A 127 -2.60 -13.80 1.13
CA ASP A 127 -3.61 -13.72 2.17
C ASP A 127 -4.19 -12.32 2.34
N PHE A 128 -3.47 -11.29 1.88
CA PHE A 128 -3.91 -9.91 1.98
C PHE A 128 -3.02 -9.10 1.05
N SER A 129 -3.55 -7.97 0.56
CA SER A 129 -2.79 -7.18 -0.41
C SER A 129 -3.25 -5.72 -0.39
N VAL A 130 -2.30 -4.84 -0.68
CA VAL A 130 -2.57 -3.42 -0.90
C VAL A 130 -2.18 -3.05 -2.32
N TYR A 131 -2.77 -1.96 -2.80
CA TYR A 131 -2.30 -1.25 -3.98
C TYR A 131 -2.19 0.22 -3.63
N LEU A 132 -1.01 0.80 -3.82
CA LEU A 132 -0.79 2.21 -3.58
C LEU A 132 -1.02 2.96 -4.89
N ASP A 133 -2.13 3.70 -4.96
CA ASP A 133 -2.57 4.37 -6.18
C ASP A 133 -2.34 5.87 -6.04
N ILE A 134 -1.45 6.41 -6.87
CA ILE A 134 -1.13 7.84 -6.88
C ILE A 134 -1.59 8.41 -8.21
N ASP A 135 -2.47 9.43 -8.14
CA ASP A 135 -2.85 10.18 -9.33
C ASP A 135 -1.62 10.70 -10.05
N ASP A 136 -1.67 10.71 -11.39
CA ASP A 136 -0.56 11.28 -12.14
C ASP A 136 -0.32 12.74 -11.77
N GLU A 137 -1.37 13.43 -11.29
CA GLU A 137 -1.21 14.79 -10.81
C GLU A 137 -0.37 14.85 -9.54
N VAL A 138 -0.67 13.99 -8.58
CA VAL A 138 0.08 13.99 -7.32
C VAL A 138 1.47 13.40 -7.52
N LYS A 139 1.55 12.29 -8.27
CA LYS A 139 2.85 11.66 -8.53
C LYS A 139 3.78 12.61 -9.28
N ILE A 140 3.22 13.43 -10.16
CA ILE A 140 4.02 14.48 -10.81
C ILE A 140 4.50 15.49 -9.79
N ALA A 141 3.62 15.90 -8.87
CA ALA A 141 3.98 16.92 -7.89
C ALA A 141 5.05 16.42 -6.93
N TRP A 142 5.05 15.13 -6.60
CA TRP A 142 6.05 14.61 -5.67
C TRP A 142 7.44 14.56 -6.31
N LYS A 143 7.52 14.07 -7.54
CA LYS A 143 8.83 14.00 -8.22
C LYS A 143 9.38 15.40 -8.48
N ILE A 144 8.51 16.35 -8.85
CA ILE A 144 8.94 17.71 -9.12
C ILE A 144 9.43 18.41 -7.86
N GLN A 145 8.95 17.99 -6.69
CA GLN A 145 9.42 18.57 -5.43
C GLN A 145 10.61 17.79 -4.87
N SER A 154 11.38 20.40 -12.17
CA SER A 154 11.21 20.63 -13.60
C SER A 154 9.95 19.94 -14.13
N TYR A 155 8.89 20.73 -14.29
CA TYR A 155 7.60 20.21 -14.78
C TYR A 155 7.78 19.47 -16.10
N GLU A 156 8.50 20.07 -17.04
CA GLU A 156 8.60 19.50 -18.39
C GLU A 156 9.29 18.15 -18.37
N ASP A 157 10.37 18.02 -17.61
CA ASP A 157 11.19 16.81 -17.69
C ASP A 157 10.52 15.66 -16.94
N VAL A 158 9.86 15.95 -15.82
CA VAL A 158 9.16 14.90 -15.05
C VAL A 158 7.93 14.42 -15.80
N LEU A 159 7.11 15.36 -16.29
CA LEU A 159 5.93 15.04 -17.08
C LEU A 159 6.28 14.09 -18.21
N ALA A 160 7.37 14.38 -18.92
CA ALA A 160 7.84 13.48 -19.96
C ALA A 160 8.23 12.13 -19.39
N SER A 161 8.85 12.13 -18.21
CA SER A 161 9.29 10.86 -17.61
C SER A 161 8.10 9.98 -17.27
N ILE A 162 7.05 10.56 -16.69
CA ILE A 162 5.87 9.77 -16.34
C ILE A 162 4.97 9.55 -17.55
N GLU A 163 5.11 10.35 -18.61
CA GLU A 163 4.31 10.14 -19.82
C GLU A 163 4.82 8.95 -20.62
N ALA A 164 6.13 8.70 -20.59
CA ALA A 164 6.68 7.56 -21.32
C ALA A 164 6.34 6.25 -20.63
N ARG A 165 6.21 6.25 -19.31
CA ARG A 165 5.95 5.04 -18.55
C ARG A 165 4.46 4.71 -18.44
N ARG A 166 3.58 5.65 -18.76
CA ARG A 166 2.16 5.44 -18.47
C ARG A 166 1.51 4.36 -19.34
N PRO A 167 1.85 4.22 -20.63
CA PRO A 167 1.28 3.08 -21.38
C PRO A 167 1.55 1.73 -20.74
N ASP A 168 2.80 1.47 -20.35
CA ASP A 168 3.10 0.23 -19.62
C ASP A 168 2.39 0.21 -18.28
N PHE A 169 2.24 1.37 -17.64
CA PHE A 169 1.65 1.41 -16.30
C PHE A 169 0.16 1.07 -16.36
N LYS A 170 -0.58 1.67 -17.29
CA LYS A 170 -2.00 1.38 -17.37
C LYS A 170 -2.29 0.02 -17.96
N ALA A 171 -1.37 -0.54 -18.75
CA ALA A 171 -1.60 -1.84 -19.33
C ALA A 171 -1.32 -2.97 -18.33
N TYR A 172 -0.23 -2.85 -17.57
CA TYR A 172 0.23 -3.96 -16.75
C TYR A 172 0.13 -3.72 -15.24
N ILE A 173 0.18 -2.47 -14.79
CA ILE A 173 0.23 -2.17 -13.36
C ILE A 173 -1.15 -1.85 -12.81
N GLU A 174 -1.86 -0.89 -13.40
CA GLU A 174 -3.11 -0.41 -12.85
C GLU A 174 -4.21 -1.48 -12.71
N PRO A 175 -4.38 -2.44 -13.62
CA PRO A 175 -5.45 -3.44 -13.43
C PRO A 175 -5.34 -4.23 -12.13
N GLN A 176 -4.17 -4.24 -11.49
CA GLN A 176 -4.04 -4.93 -10.21
C GLN A 176 -4.92 -4.34 -9.12
N ARG A 177 -5.39 -3.10 -9.30
CA ARG A 177 -6.24 -2.48 -8.29
C ARG A 177 -7.53 -3.27 -8.08
N GLY A 178 -8.04 -3.92 -9.13
CA GLY A 178 -9.25 -4.70 -9.00
C GLY A 178 -9.10 -5.93 -8.14
N HIS A 179 -7.86 -6.37 -7.88
CA HIS A 179 -7.62 -7.57 -7.10
C HIS A 179 -7.17 -7.30 -5.67
N ALA A 180 -6.89 -6.04 -5.32
CA ALA A 180 -6.38 -5.73 -3.99
C ALA A 180 -7.50 -5.74 -2.97
N ASP A 181 -7.17 -6.19 -1.75
CA ASP A 181 -8.12 -6.06 -0.65
C ASP A 181 -8.29 -4.61 -0.24
N ILE A 182 -7.24 -3.81 -0.37
CA ILE A 182 -7.24 -2.40 0.01
C ILE A 182 -6.48 -1.60 -1.04
N VAL A 183 -7.08 -0.51 -1.49
CA VAL A 183 -6.42 0.43 -2.38
C VAL A 183 -6.31 1.77 -1.66
N ILE A 184 -5.09 2.28 -1.53
CA ILE A 184 -4.86 3.60 -0.96
C ILE A 184 -4.65 4.55 -2.12
N ARG A 185 -5.64 5.39 -2.38
CA ARG A 185 -5.62 6.31 -3.51
C ARG A 185 -5.33 7.73 -3.03
N VAL A 186 -4.31 8.34 -3.62
CA VAL A 186 -3.88 9.70 -3.28
C VAL A 186 -4.26 10.62 -4.43
N MET A 187 -4.94 11.71 -4.12
CA MET A 187 -5.50 12.62 -5.11
C MET A 187 -5.23 14.05 -4.69
N PRO A 188 -5.37 15.00 -5.61
CA PRO A 188 -5.34 16.41 -5.22
C PRO A 188 -6.54 16.76 -4.34
N THR A 189 -6.38 17.85 -3.58
CA THR A 189 -7.38 18.22 -2.60
C THR A 189 -8.59 18.87 -3.25
N GLN A 190 -9.70 18.85 -2.53
CA GLN A 190 -10.91 19.58 -2.91
C GLN A 190 -11.19 20.77 -2.00
N LEU A 191 -10.36 20.99 -0.98
CA LEU A 191 -10.57 22.07 -0.02
C LEU A 191 -9.93 23.39 -0.44
N ILE A 192 -9.07 23.38 -1.46
CA ILE A 192 -8.34 24.57 -1.89
C ILE A 192 -8.62 24.78 -3.37
N PRO A 193 -9.16 25.93 -3.77
CA PRO A 193 -9.46 26.16 -5.19
C PRO A 193 -8.19 26.43 -5.99
N ASN A 194 -8.13 25.81 -7.18
CA ASN A 194 -6.99 25.87 -8.08
C ASN A 194 -5.67 25.74 -7.33
N ASP A 195 -5.38 24.53 -6.86
CA ASP A 195 -4.14 24.30 -6.12
C ASP A 195 -2.97 24.09 -7.07
N THR A 196 -1.79 24.48 -6.62
CA THR A 196 -0.59 24.43 -7.44
C THR A 196 0.48 23.48 -6.91
N GLU A 197 0.58 23.31 -5.59
CA GLU A 197 1.67 22.57 -4.99
C GLU A 197 1.34 21.11 -4.72
N ARG A 198 0.05 20.79 -4.54
CA ARG A 198 -0.38 19.43 -4.23
C ARG A 198 0.27 18.91 -2.96
N LYS A 199 0.35 19.77 -1.94
CA LYS A 199 0.84 19.34 -0.64
C LYS A 199 -0.29 18.91 0.28
N VAL A 200 -1.47 19.48 0.11
CA VAL A 200 -2.68 19.00 0.77
C VAL A 200 -3.33 17.96 -0.12
N LEU A 201 -3.70 16.82 0.46
CA LEU A 201 -4.11 15.66 -0.31
C LEU A 201 -5.47 15.15 0.12
N ARG A 202 -6.21 14.64 -0.86
CA ARG A 202 -7.44 13.90 -0.63
C ARG A 202 -7.12 12.41 -0.79
N VAL A 203 -7.29 11.65 0.29
CA VAL A 203 -6.85 10.27 0.34
C VAL A 203 -8.07 9.37 0.58
N GLN A 204 -8.13 8.26 -0.16
CA GLN A 204 -9.22 7.31 -0.07
C GLN A 204 -8.69 5.95 0.34
N LEU A 205 -9.44 5.25 1.18
CA LEU A 205 -9.13 3.91 1.65
C LEU A 205 -10.22 2.98 1.09
N ILE A 206 -9.94 2.41 -0.08
CA ILE A 206 -10.91 1.58 -0.79
C ILE A 206 -10.78 0.16 -0.28
N GLN A 207 -11.76 -0.29 0.51
CA GLN A 207 -11.70 -1.59 1.20
C GLN A 207 -12.67 -2.55 0.54
N ARG A 208 -12.14 -3.63 -0.01
CA ARG A 208 -12.94 -4.60 -0.74
C ARG A 208 -13.66 -5.54 0.22
N GLU A 209 -14.90 -5.88 -0.14
CA GLU A 209 -15.65 -6.90 0.57
C GLU A 209 -15.41 -8.26 -0.09
N GLY A 210 -15.14 -9.29 0.72
CA GLY A 210 -14.90 -10.60 0.18
C GLY A 210 -13.90 -11.42 0.98
N ARG A 211 -12.76 -10.83 1.34
CA ARG A 211 -11.78 -11.53 2.15
C ARG A 211 -12.42 -11.96 3.46
N ASP A 212 -12.11 -13.20 3.88
CA ASP A 212 -13.00 -13.94 4.77
C ASP A 212 -13.27 -13.19 6.07
N GLY A 213 -12.23 -12.81 6.79
CA GLY A 213 -12.42 -12.14 8.06
C GLY A 213 -12.27 -10.64 8.06
N PHE A 214 -12.04 -10.05 6.90
CA PHE A 214 -11.65 -8.64 6.79
C PHE A 214 -12.91 -7.77 6.79
N GLU A 215 -13.13 -7.05 7.90
CA GLU A 215 -14.22 -6.09 8.06
C GLU A 215 -13.68 -4.69 7.95
N PRO A 216 -14.31 -3.81 7.17
CA PRO A 216 -13.75 -2.48 6.91
C PRO A 216 -13.93 -1.53 8.09
N ALA A 217 -12.99 -0.60 8.19
CA ALA A 217 -13.14 0.54 9.08
C ALA A 217 -14.11 1.55 8.46
N TYR A 218 -14.87 2.24 9.30
CA TYR A 218 -15.95 3.08 8.79
C TYR A 218 -16.20 4.26 9.73
N LEU A 219 -17.11 5.13 9.30
CA LEU A 219 -17.58 6.28 10.06
C LEU A 219 -19.07 6.13 10.31
N PHE A 220 -19.48 6.25 11.58
CA PHE A 220 -20.88 6.35 11.98
C PHE A 220 -21.68 5.09 11.66
N ASP A 221 -21.95 4.83 10.38
CA ASP A 221 -22.80 3.73 9.97
C ASP A 221 -22.15 2.98 8.82
N GLU A 222 -21.79 1.72 9.07
CA GLU A 222 -20.99 0.94 8.11
C GLU A 222 -21.67 0.75 6.76
N GLY A 223 -23.00 0.83 6.70
CA GLY A 223 -23.70 0.53 5.47
C GLY A 223 -24.20 1.71 4.66
N SER A 224 -23.90 2.94 5.07
CA SER A 224 -24.49 4.11 4.42
C SER A 224 -23.41 5.17 4.23
N THR A 225 -23.81 6.31 3.67
CA THR A 225 -22.89 7.34 3.21
C THR A 225 -22.92 8.54 4.14
N ILE A 226 -21.74 9.05 4.49
CA ILE A 226 -21.61 10.17 5.41
C ILE A 226 -20.55 11.13 4.90
N GLN A 227 -20.82 12.43 5.01
CA GLN A 227 -19.82 13.48 4.87
C GLN A 227 -19.68 14.17 6.21
N TRP A 228 -18.45 14.26 6.71
CA TRP A 228 -18.23 14.70 8.08
C TRP A 228 -17.09 15.71 8.14
N THR A 229 -17.38 16.86 8.76
CA THR A 229 -16.36 17.84 9.09
C THR A 229 -16.15 17.82 10.59
N PRO A 230 -15.02 17.30 11.08
CA PRO A 230 -14.83 17.20 12.54
C PRO A 230 -14.62 18.53 13.23
N CYS A 231 -14.29 19.57 12.48
CA CYS A 231 -14.06 20.89 13.08
C CYS A 231 -15.39 21.49 13.49
N GLY A 232 -15.45 21.98 14.73
CA GLY A 232 -16.67 22.51 15.29
C GLY A 232 -16.54 22.94 16.73
N ARG A 233 -17.58 22.70 17.54
CA ARG A 233 -17.59 23.20 18.90
C ARG A 233 -16.63 22.43 19.81
N LYS A 234 -16.16 21.25 19.40
CA LYS A 234 -15.27 20.45 20.22
C LYS A 234 -13.88 20.30 19.62
N LEU A 235 -13.61 20.91 18.47
CA LEU A 235 -12.30 20.83 17.84
C LEU A 235 -12.13 22.05 16.93
N THR A 236 -11.08 22.82 17.16
CA THR A 236 -10.82 24.01 16.38
C THR A 236 -9.81 23.69 15.28
N CYS A 237 -10.11 24.12 14.06
CA CYS A 237 -9.20 24.00 12.93
C CYS A 237 -9.10 25.33 12.22
N SER A 238 -7.94 25.59 11.64
CA SER A 238 -7.80 26.72 10.74
C SER A 238 -8.33 26.34 9.36
N TYR A 239 -8.90 27.32 8.67
CA TYR A 239 -9.37 27.11 7.31
C TYR A 239 -8.19 26.66 6.44
N PRO A 240 -8.39 25.65 5.56
CA PRO A 240 -9.64 24.98 5.17
C PRO A 240 -10.09 23.86 6.12
N GLY A 241 -9.17 23.30 6.89
CA GLY A 241 -9.53 22.30 7.88
C GLY A 241 -9.49 20.88 7.32
N ILE A 242 -10.18 19.99 8.05
CA ILE A 242 -10.22 18.57 7.76
C ILE A 242 -11.63 18.19 7.34
N ARG A 243 -11.72 17.30 6.35
CA ARG A 243 -13.01 16.78 5.89
C ARG A 243 -12.87 15.29 5.67
N LEU A 244 -13.90 14.53 6.06
CA LEU A 244 -13.89 13.08 5.92
C LEU A 244 -15.17 12.62 5.22
N ALA A 245 -15.11 11.40 4.70
CA ALA A 245 -16.26 10.80 4.03
C ALA A 245 -16.18 9.29 4.19
N TYR A 246 -17.36 8.65 4.16
CA TYR A 246 -17.44 7.20 4.14
C TYR A 246 -18.70 6.80 3.40
N GLY A 247 -18.65 5.63 2.75
CA GLY A 247 -19.81 5.06 2.13
C GLY A 247 -19.52 3.83 1.31
N PRO A 248 -20.53 2.99 1.09
CA PRO A 248 -20.38 1.86 0.17
C PRO A 248 -20.24 2.35 -1.26
N ASP A 249 -19.67 1.50 -2.10
CA ASP A 249 -19.49 1.80 -3.51
C ASP A 249 -19.15 0.51 -4.24
N THR A 250 -19.09 0.60 -5.55
CA THR A 250 -18.61 -0.51 -6.38
C THR A 250 -17.32 -0.10 -7.07
N TYR A 251 -16.46 -1.09 -7.31
CA TYR A 251 -15.09 -0.83 -7.75
C TYR A 251 -14.59 -2.06 -8.50
N TYR A 252 -14.32 -1.92 -9.79
CA TYR A 252 -13.95 -3.04 -10.65
C TYR A 252 -14.99 -4.16 -10.57
N GLY A 253 -16.25 -3.79 -10.37
CA GLY A 253 -17.33 -4.75 -10.30
C GLY A 253 -17.50 -5.45 -8.96
N HIS A 254 -16.80 -4.99 -7.92
CA HIS A 254 -16.89 -5.58 -6.59
C HIS A 254 -17.38 -4.53 -5.60
N GLU A 255 -17.99 -5.01 -4.53
CA GLU A 255 -18.47 -4.15 -3.46
C GLU A 255 -17.30 -3.69 -2.60
N VAL A 256 -17.22 -2.39 -2.33
CA VAL A 256 -16.16 -1.81 -1.51
C VAL A 256 -16.77 -0.88 -0.47
N SER A 257 -15.96 -0.60 0.55
CA SER A 257 -16.27 0.40 1.56
C SER A 257 -15.16 1.44 1.54
N VAL A 258 -15.51 2.69 1.25
CA VAL A 258 -14.54 3.73 0.97
C VAL A 258 -14.52 4.71 2.14
N LEU A 259 -13.38 4.79 2.82
CA LEU A 259 -13.12 5.81 3.83
C LEU A 259 -12.23 6.89 3.22
N GLU A 260 -12.53 8.15 3.54
CA GLU A 260 -11.89 9.27 2.86
C GLU A 260 -11.52 10.36 3.87
N VAL A 261 -10.41 11.05 3.58
CA VAL A 261 -9.96 12.18 4.39
C VAL A 261 -9.28 13.18 3.48
N ASP A 262 -9.51 14.46 3.74
CA ASP A 262 -8.98 15.56 2.94
C ASP A 262 -8.55 16.67 3.88
N GLY A 263 -7.31 17.13 3.73
CA GLY A 263 -6.76 18.17 4.57
C GLY A 263 -5.55 17.69 5.35
N GLN A 264 -4.98 18.62 6.13
CA GLN A 264 -3.82 18.35 6.94
C GLN A 264 -4.19 18.36 8.43
N PHE A 265 -3.58 17.46 9.18
CA PHE A 265 -3.58 17.56 10.64
C PHE A 265 -2.49 18.54 11.05
N GLU A 266 -2.88 19.61 11.76
CA GLU A 266 -1.90 20.57 12.25
C GLU A 266 -1.50 20.34 13.70
N ASN A 267 -2.15 19.42 14.40
CA ASN A 267 -1.79 19.14 15.79
C ASN A 267 -2.29 17.75 16.17
N LEU A 268 -1.90 17.32 17.36
CA LEU A 268 -2.27 15.99 17.85
C LEU A 268 -3.76 15.89 18.19
N GLU A 269 -4.36 17.00 18.63
CA GLU A 269 -5.77 16.97 19.04
C GLU A 269 -6.67 16.61 17.87
N GLU A 270 -6.37 17.13 16.68
CA GLU A 270 -7.15 16.77 15.49
C GLU A 270 -6.96 15.31 15.12
N MET A 271 -5.77 14.76 15.36
CA MET A 271 -5.52 13.36 15.03
C MET A 271 -6.31 12.43 15.94
N ILE A 272 -6.23 12.66 17.26
CA ILE A 272 -6.92 11.77 18.19
C ILE A 272 -8.43 11.96 18.11
N TYR A 273 -8.88 13.14 17.68
CA TYR A 273 -10.31 13.36 17.50
C TYR A 273 -10.86 12.51 16.36
N VAL A 274 -10.14 12.46 15.24
CA VAL A 274 -10.55 11.63 14.11
C VAL A 274 -10.50 10.16 14.50
N GLU A 275 -9.40 9.73 15.12
CA GLU A 275 -9.27 8.32 15.50
C GLU A 275 -10.39 7.89 16.44
N GLY A 276 -10.69 8.72 17.44
CA GLY A 276 -11.74 8.40 18.38
C GLY A 276 -13.11 8.26 17.76
N HIS A 277 -13.30 8.77 16.56
CA HIS A 277 -14.59 8.71 15.87
C HIS A 277 -14.60 7.71 14.72
N LEU A 278 -13.52 6.96 14.51
CA LEU A 278 -13.50 5.88 13.55
C LEU A 278 -13.89 4.57 14.24
N SER A 279 -14.54 3.70 13.48
CA SER A 279 -15.00 2.41 13.99
C SER A 279 -14.27 1.28 13.29
N LYS A 280 -14.00 0.21 14.04
CA LYS A 280 -13.32 -0.98 13.53
C LYS A 280 -11.98 -0.64 12.89
N THR A 281 -11.15 0.09 13.64
CA THR A 281 -9.79 0.36 13.20
C THR A 281 -8.84 -0.78 13.54
N ASP A 282 -9.29 -1.77 14.29
CA ASP A 282 -8.48 -2.90 14.74
C ASP A 282 -7.27 -2.46 15.56
N THR A 283 -7.35 -1.29 16.18
CA THR A 283 -6.37 -0.94 17.20
C THR A 283 -6.62 -1.77 18.45
N GLN A 284 -5.55 -1.99 19.21
CA GLN A 284 -5.64 -2.76 20.44
C GLN A 284 -5.73 -1.88 21.68
N TYR A 285 -5.61 -0.56 21.52
CA TYR A 285 -5.91 0.37 22.60
C TYR A 285 -6.24 1.73 21.98
N TYR A 286 -7.04 2.51 22.70
CA TYR A 286 -7.46 3.81 22.22
C TYR A 286 -6.25 4.74 22.13
N GLY A 287 -5.97 5.22 20.93
CA GLY A 287 -4.81 6.06 20.67
C GLY A 287 -3.66 5.37 19.96
N GLU A 288 -3.79 4.07 19.66
CA GLU A 288 -2.70 3.36 18.99
C GLU A 288 -2.50 3.86 17.58
N LEU A 289 -3.58 4.23 16.89
CA LEU A 289 -3.45 4.75 15.53
C LEU A 289 -2.66 6.06 15.53
N THR A 290 -2.91 6.93 16.51
CA THR A 290 -2.19 8.19 16.59
C THR A 290 -0.75 7.98 17.05
N HIS A 291 -0.54 7.07 18.00
CA HIS A 291 0.82 6.76 18.44
C HIS A 291 1.68 6.26 17.29
N LEU A 292 1.16 5.30 16.53
CA LEU A 292 1.91 4.76 15.39
C LEU A 292 2.13 5.83 14.32
N LEU A 293 1.15 6.71 14.12
CA LEU A 293 1.29 7.76 13.11
C LEU A 293 2.37 8.77 13.50
N LEU A 294 2.53 9.03 14.80
CA LEU A 294 3.55 9.96 15.28
C LEU A 294 4.83 9.26 15.70
N GLN A 295 4.92 7.95 15.56
CA GLN A 295 6.15 7.24 15.92
C GLN A 295 7.32 7.68 15.04
N HIS A 296 7.04 8.13 13.83
CA HIS A 296 8.06 8.61 12.90
C HIS A 296 7.54 9.90 12.28
N LYS A 297 7.87 11.03 12.92
CA LYS A 297 7.42 12.33 12.42
C LYS A 297 8.01 12.63 11.05
N ASP A 298 9.18 12.08 10.73
CA ASP A 298 9.87 12.41 9.49
C ASP A 298 9.33 11.65 8.28
N TYR A 299 8.63 10.54 8.49
CA TYR A 299 8.05 9.81 7.37
C TYR A 299 7.11 10.72 6.59
N PRO A 300 7.21 10.78 5.27
CA PRO A 300 6.30 11.61 4.49
C PRO A 300 4.86 11.16 4.67
N GLY A 301 3.96 12.13 4.78
CA GLY A 301 2.55 11.86 4.99
C GLY A 301 2.14 11.65 6.42
N SER A 302 3.01 11.95 7.39
CA SER A 302 2.69 11.76 8.79
C SER A 302 1.60 12.72 9.29
N ASN A 303 1.26 13.76 8.53
CA ASN A 303 0.29 14.75 8.97
C ASN A 303 -1.00 14.74 8.15
N ASN A 304 -1.17 13.81 7.24
CA ASN A 304 -2.37 13.78 6.40
C ASN A 304 -2.83 12.33 6.25
N GLY A 305 -3.71 12.10 5.29
CA GLY A 305 -4.37 10.81 5.16
C GLY A 305 -3.49 9.70 4.64
N THR A 306 -2.37 10.03 4.00
CA THR A 306 -1.49 8.98 3.47
C THR A 306 -0.87 8.18 4.59
N GLY A 307 -0.30 8.84 5.60
CA GLY A 307 0.22 8.12 6.74
C GLY A 307 -0.87 7.47 7.56
N LEU A 308 -2.02 8.15 7.69
CA LEU A 308 -3.12 7.62 8.47
C LEU A 308 -3.63 6.29 7.89
N PHE A 309 -3.85 6.26 6.57
CA PHE A 309 -4.39 5.06 5.94
C PHE A 309 -3.34 3.99 5.73
N GLN A 310 -2.05 4.35 5.68
CA GLN A 310 -1.00 3.34 5.69
C GLN A 310 -1.01 2.59 7.01
N VAL A 311 -1.08 3.31 8.13
CA VAL A 311 -1.13 2.66 9.43
C VAL A 311 -2.43 1.85 9.56
N LEU A 312 -3.54 2.41 9.08
CA LEU A 312 -4.80 1.69 9.13
C LEU A 312 -4.73 0.39 8.34
N THR A 313 -4.11 0.42 7.15
CA THR A 313 -3.96 -0.78 6.35
C THR A 313 -3.11 -1.83 7.08
N GLY A 314 -2.04 -1.38 7.76
CA GLY A 314 -1.22 -2.32 8.51
C GLY A 314 -1.97 -2.94 9.67
N LEU A 315 -2.87 -2.16 10.30
CA LEU A 315 -3.69 -2.71 11.37
C LEU A 315 -4.63 -3.79 10.83
N LYS A 316 -5.13 -3.60 9.60
CA LYS A 316 -5.95 -4.64 8.97
C LYS A 316 -5.13 -5.88 8.66
N MET A 317 -3.88 -5.69 8.24
CA MET A 317 -3.00 -6.84 8.01
C MET A 317 -2.71 -7.58 9.32
N ARG A 318 -2.48 -6.83 10.39
CA ARG A 318 -2.27 -7.46 11.69
C ARG A 318 -3.50 -8.25 12.12
N ALA A 319 -4.70 -7.69 11.87
CA ALA A 319 -5.93 -8.39 12.20
C ALA A 319 -6.10 -9.65 11.34
N ALA A 320 -5.72 -9.56 10.06
CA ALA A 320 -5.78 -10.73 9.20
C ALA A 320 -4.75 -11.77 9.61
N TYR A 321 -3.57 -11.33 10.06
CA TYR A 321 -2.55 -12.26 10.53
C TYR A 321 -3.01 -12.99 11.79
N GLU A 322 -3.44 -12.24 12.81
CA GLU A 322 -3.90 -12.87 14.05
C GLU A 322 -5.10 -13.78 13.82
N ARG A 323 -5.90 -13.48 12.81
CA ARG A 323 -7.03 -14.32 12.48
C ARG A 323 -6.58 -15.63 11.84
N LEU A 324 -5.63 -15.55 10.91
CA LEU A 324 -5.18 -16.76 10.21
C LEU A 324 -4.37 -17.68 11.13
N THR A 325 -3.69 -17.12 12.12
CA THR A 325 -2.85 -17.90 13.03
C THR A 325 -3.56 -18.22 14.34
N SER A 326 -4.85 -17.92 14.46
CA SER A 326 -5.56 -18.25 15.69
C SER A 326 -5.91 -19.73 15.76
N GLN A 327 -6.26 -20.33 14.62
CA GLN A 327 -6.52 -21.77 14.58
C GLN A 327 -5.25 -22.53 14.21
PB ADP B . 9.30 4.11 -2.85
O1B ADP B . 10.57 4.41 -3.61
O2B ADP B . 8.14 3.61 -3.70
O3B ADP B . 9.50 3.29 -1.58
PA ADP B . 9.29 6.04 -0.79
O1A ADP B . 10.75 5.67 -0.58
O2A ADP B . 8.28 5.71 0.27
O3A ADP B . 8.81 5.53 -2.26
O5' ADP B . 9.26 7.62 -1.09
C5' ADP B . 10.04 8.13 -2.16
C4' ADP B . 9.69 9.59 -2.36
O4' ADP B . 8.30 9.74 -2.68
C3' ADP B . 9.90 10.35 -1.06
O3' ADP B . 11.19 10.96 -1.00
C2' ADP B . 8.82 11.41 -1.08
O2' ADP B . 9.40 12.61 -1.61
C1' ADP B . 7.74 10.87 -2.01
N9 ADP B . 6.57 10.47 -1.15
C8 ADP B . 6.18 9.21 -0.83
N7 ADP B . 5.07 9.18 -0.01
C5 ADP B . 4.72 10.48 0.20
C6 ADP B . 3.65 11.20 0.95
N6 ADP B . 2.70 10.55 1.67
N1 ADP B . 3.64 12.55 0.91
C2 ADP B . 4.57 13.22 0.21
N3 ADP B . 5.57 12.64 -0.50
C4 ADP B . 5.70 11.29 -0.55
C1 G6P C . 14.97 -1.15 -11.80
C2 G6P C . 16.19 -0.48 -11.14
C3 G6P C . 17.03 0.25 -12.15
C4 G6P C . 16.25 0.87 -13.30
C5 G6P C . 14.78 1.02 -12.91
C6 G6P C . 14.03 1.74 -14.02
O1 G6P C . 14.09 -1.65 -10.78
O2 G6P C . 15.80 0.39 -10.08
O3 G6P C . 17.89 -0.75 -12.67
O4 G6P C . 16.81 2.15 -13.61
O5 G6P C . 14.27 -0.29 -12.72
O6 G6P C . 14.25 0.96 -15.18
P G6P C . 13.27 1.04 -16.45
O1P G6P C . 13.75 -0.07 -17.36
O2P G6P C . 11.90 0.81 -15.85
O3P G6P C . 13.50 2.45 -16.97
S1 DTT D . 10.76 -14.59 -18.70
C1 DTT D . 10.45 -13.04 -19.58
C2 DTT D . 9.44 -13.11 -20.74
O2 DTT D . 8.21 -13.70 -20.30
C3 DTT D . 9.94 -13.87 -21.97
O3 DTT D . 9.11 -13.52 -23.08
C4 DTT D . 11.39 -13.50 -22.33
S4 DTT D . 11.53 -11.74 -22.74
#